data_6B83
#
_entry.id   6B83
#
_cell.length_a   51.238
_cell.length_b   62.991
_cell.length_c   88.106
_cell.angle_alpha   90.000
_cell.angle_beta   90.000
_cell.angle_gamma   90.000
#
_symmetry.space_group_name_H-M   'P 21 21 21'
#
loop_
_entity.id
_entity.type
_entity.pdbx_description
1 polymer 'Basic phospholipase A2 homolog 2'
2 non-polymer 'HEXANOIC ACID'
3 non-polymer 'SULFATE ION'
4 water water
#
_entity_poly.entity_id   1
_entity_poly.type   'polypeptide(L)'
_entity_poly.pdbx_seq_one_letter_code
;SLFELGKMILQETGKNPAKSYGVYGCNCGVGGRGKPKDATDRCCYVHKCCYKKLTGCDPKKDRYSYSWKDKTIVCGENNS
CLKELCECDKAVAICLRENLDTYNKKYRYNYLKPACKKADPC
;
_entity_poly.pdbx_strand_id   B,A
#
# COMPACT_ATOMS: atom_id res chain seq x y z
N SER A 1 10.77 9.73 0.21
CA SER A 1 9.59 9.14 -0.41
C SER A 1 9.44 7.66 -0.02
N LEU A 2 8.43 7.02 -0.59
CA LEU A 2 8.19 5.60 -0.34
C LEU A 2 9.39 4.74 -0.70
N PHE A 3 10.11 5.13 -1.74
CA PHE A 3 11.27 4.36 -2.21
C PHE A 3 12.39 4.35 -1.17
N GLU A 4 12.69 5.51 -0.59
CA GLU A 4 13.74 5.61 0.42
C GLU A 4 13.33 4.82 1.67
N LEU A 5 12.07 4.95 2.05
CA LEU A 5 11.54 4.25 3.22
C LEU A 5 11.66 2.73 3.06
N GLY A 6 11.24 2.23 1.90
CA GLY A 6 11.31 0.82 1.60
C GLY A 6 12.75 0.31 1.61
N LYS A 7 13.66 1.09 1.04
CA LYS A 7 15.06 0.70 1.00
C LYS A 7 15.65 0.64 2.40
N MET A 8 15.29 1.61 3.24
CA MET A 8 15.76 1.63 4.62
C MET A 8 15.32 0.39 5.40
N ILE A 9 14.05 0.04 5.25
CA ILE A 9 13.50 -1.11 5.95
C ILE A 9 14.19 -2.39 5.49
N LEU A 10 14.45 -2.49 4.19
CA LEU A 10 15.19 -3.63 3.65
C LEU A 10 16.61 -3.68 4.21
N GLN A 11 17.27 -2.54 4.25
CA GLN A 11 18.65 -2.48 4.73
C GLN A 11 18.76 -2.87 6.21
N GLU A 12 17.83 -2.40 7.02
CA GLU A 12 17.85 -2.68 8.44
C GLU A 12 17.41 -4.12 8.75
N THR A 13 16.24 -4.50 8.25
CA THR A 13 15.63 -5.78 8.62
C THR A 13 16.09 -6.96 7.76
N GLY A 14 16.51 -6.68 6.53
CA GLY A 14 16.87 -7.73 5.59
C GLY A 14 15.63 -8.36 4.99
N LYS A 15 14.47 -7.81 5.33
CA LYS A 15 13.20 -8.35 4.85
C LYS A 15 12.60 -7.49 3.75
N ASN A 16 11.87 -8.15 2.85
CA ASN A 16 11.04 -7.47 1.87
C ASN A 16 10.01 -6.57 2.55
N PRO A 17 10.14 -5.25 2.38
CA PRO A 17 9.34 -4.28 3.16
C PRO A 17 7.83 -4.31 2.86
N ALA A 18 7.44 -4.33 1.59
CA ALA A 18 6.02 -4.36 1.25
C ALA A 18 5.40 -5.69 1.68
N LYS A 19 6.16 -6.77 1.54
CA LYS A 19 5.70 -8.09 1.92
C LYS A 19 5.45 -8.23 3.42
N SER A 20 6.39 -7.74 4.22
CA SER A 20 6.33 -7.92 5.66
C SER A 20 5.49 -6.87 6.39
N TYR A 21 5.42 -5.67 5.82
CA TYR A 21 4.83 -4.55 6.54
C TYR A 21 3.78 -3.77 5.75
N GLY A 22 3.42 -4.28 4.57
CA GLY A 22 2.47 -3.62 3.71
C GLY A 22 1.08 -3.41 4.31
N VAL A 23 0.62 -4.40 5.07
CA VAL A 23 -0.69 -4.34 5.72
C VAL A 23 -0.64 -4.88 7.15
N TYR A 24 0.53 -4.81 7.76
CA TYR A 24 0.76 -5.39 9.08
C TYR A 24 0.03 -4.63 10.20
N GLY A 25 -0.77 -5.35 10.97
CA GLY A 25 -1.43 -4.78 12.13
C GLY A 25 -2.33 -3.60 11.81
N CYS A 26 -2.43 -2.67 12.75
CA CYS A 26 -3.33 -1.54 12.60
C CYS A 26 -2.62 -0.27 12.11
N ASN A 27 -1.30 -0.31 12.02
CA ASN A 27 -0.54 0.90 11.76
C ASN A 27 0.46 0.82 10.61
N CYS A 28 0.89 -0.39 10.24
CA CYS A 28 1.89 -0.53 9.20
C CYS A 28 1.31 -0.48 7.80
N GLY A 29 1.91 0.34 6.94
CA GLY A 29 1.50 0.45 5.56
C GLY A 29 0.28 1.31 5.35
N VAL A 30 -0.59 0.86 4.45
CA VAL A 30 -1.78 1.61 4.03
C VAL A 30 -2.65 2.07 5.20
N GLY A 31 -3.33 3.19 5.02
CA GLY A 31 -4.27 3.68 6.01
C GLY A 31 -3.63 4.55 7.07
N GLY A 32 -4.42 4.90 8.09
CA GLY A 32 -3.94 5.73 9.18
C GLY A 32 -3.46 4.91 10.35
N ARG A 33 -3.72 5.40 11.56
CA ARG A 33 -3.31 4.71 12.77
C ARG A 33 -4.46 3.97 13.43
N GLY A 34 -4.11 3.10 14.38
CA GLY A 34 -5.09 2.39 15.18
C GLY A 34 -4.39 1.85 16.40
N LYS A 35 -5.16 1.28 17.34
CA LYS A 35 -4.58 0.66 18.52
C LYS A 35 -3.60 -0.44 18.10
N PRO A 36 -2.32 -0.28 18.45
CA PRO A 36 -1.28 -1.22 18.01
C PRO A 36 -1.48 -2.62 18.56
N LYS A 37 -1.17 -3.62 17.74
CA LYS A 37 -1.35 -5.02 18.11
C LYS A 37 -0.11 -5.57 18.83
N ASP A 38 1.07 -5.05 18.47
CA ASP A 38 2.31 -5.45 19.10
C ASP A 38 3.41 -4.41 18.90
N ALA A 39 4.64 -4.77 19.24
CA ALA A 39 5.77 -3.84 19.17
C ALA A 39 6.05 -3.37 17.75
N THR A 40 6.03 -4.31 16.81
CA THR A 40 6.22 -3.98 15.40
C THR A 40 5.17 -2.97 14.95
N ASP A 41 3.93 -3.22 15.31
CA ASP A 41 2.82 -2.33 14.98
C ASP A 41 3.02 -0.96 15.60
N ARG A 42 3.57 -0.92 16.81
CA ARG A 42 3.83 0.33 17.50
C ARG A 42 4.87 1.18 16.78
N CYS A 43 5.85 0.53 16.17
CA CYS A 43 6.85 1.24 15.37
C CYS A 43 6.17 2.08 14.30
N CYS A 44 5.21 1.47 13.63
CA CYS A 44 4.50 2.13 12.53
C CYS A 44 3.57 3.21 13.06
N TYR A 45 3.04 2.97 14.26
CA TYR A 45 2.23 3.96 14.97
C TYR A 45 3.04 5.23 15.22
N VAL A 46 4.23 5.05 15.79
CA VAL A 46 5.15 6.15 16.06
C VAL A 46 5.55 6.85 14.75
N HIS A 47 5.77 6.06 13.72
CA HIS A 47 6.17 6.55 12.41
C HIS A 47 5.15 7.54 11.84
N LYS A 48 3.88 7.16 11.89
CA LYS A 48 2.82 8.00 11.35
C LYS A 48 2.59 9.24 12.21
N CYS A 49 2.88 9.14 13.50
CA CYS A 49 2.84 10.32 14.37
C CYS A 49 4.02 11.25 14.06
N CYS A 50 5.15 10.66 13.69
CA CYS A 50 6.33 11.41 13.30
C CYS A 50 6.03 12.25 12.07
N TYR A 51 5.28 11.66 11.13
CA TYR A 51 4.92 12.33 9.89
C TYR A 51 4.06 13.57 10.11
N LYS A 52 3.33 13.61 11.21
CA LYS A 52 2.41 14.70 11.48
C LYS A 52 3.14 16.00 11.81
N LYS A 53 4.33 15.88 12.38
CA LYS A 53 5.12 17.05 12.74
C LYS A 53 5.67 17.76 11.51
N LEU A 54 5.62 17.09 10.36
CA LEU A 54 6.25 17.60 9.15
C LEU A 54 5.54 18.82 8.57
N THR A 55 6.31 19.85 8.24
CA THR A 55 5.74 21.02 7.62
C THR A 55 6.50 21.41 6.34
N GLY A 56 5.84 21.21 5.21
CA GLY A 56 6.36 21.65 3.92
C GLY A 56 6.68 20.60 2.87
N CYS A 57 6.74 19.33 3.25
CA CYS A 57 7.06 18.29 2.28
C CYS A 57 6.09 17.11 2.32
N ASP A 58 6.13 16.29 1.27
CA ASP A 58 5.24 15.15 1.13
C ASP A 58 5.98 13.85 1.43
N PRO A 59 5.62 13.18 2.54
CA PRO A 59 6.28 11.96 2.98
C PRO A 59 6.19 10.83 1.96
N LYS A 60 5.12 10.84 1.16
CA LYS A 60 4.87 9.76 0.21
C LYS A 60 5.64 9.93 -1.10
N LYS A 61 5.73 11.17 -1.58
CA LYS A 61 6.24 11.42 -2.93
C LYS A 61 7.61 12.11 -2.97
N ASP A 62 7.89 12.94 -1.98
CA ASP A 62 9.12 13.73 -1.99
C ASP A 62 10.35 12.88 -1.68
N ARG A 63 11.27 12.81 -2.64
CA ARG A 63 12.51 12.07 -2.47
C ARG A 63 13.51 12.88 -1.66
N TYR A 64 14.37 12.17 -0.94
CA TYR A 64 15.46 12.80 -0.21
C TYR A 64 16.72 11.94 -0.35
N SER A 65 17.85 12.48 0.06
CA SER A 65 19.10 11.74 -0.05
C SER A 65 19.54 11.21 1.30
N TYR A 66 19.91 9.93 1.33
CA TYR A 66 20.58 9.36 2.49
C TYR A 66 21.61 8.37 2.01
N SER A 67 22.50 7.94 2.88
CA SER A 67 23.51 6.96 2.51
C SER A 67 23.68 5.90 3.58
N TRP A 68 24.40 4.86 3.21
CA TRP A 68 24.66 3.71 4.07
C TRP A 68 26.12 3.79 4.50
N LYS A 69 26.36 4.27 5.72
CA LYS A 69 27.72 4.46 6.23
C LYS A 69 27.96 3.60 7.46
N ASP A 70 28.95 2.72 7.37
CA ASP A 70 29.23 1.76 8.44
C ASP A 70 27.95 1.08 8.91
N LYS A 71 27.20 0.54 7.94
CA LYS A 71 25.93 -0.15 8.19
C LYS A 71 24.99 0.69 9.05
N THR A 72 24.94 1.97 8.75
CA THR A 72 24.06 2.91 9.46
C THR A 72 23.38 3.82 8.43
N ILE A 73 22.09 4.02 8.60
CA ILE A 73 21.36 4.97 7.76
C ILE A 73 21.79 6.38 8.15
N VAL A 74 22.29 7.14 7.19
CA VAL A 74 22.74 8.50 7.45
C VAL A 74 22.01 9.49 6.54
N CYS A 75 21.10 10.24 7.13
CA CYS A 75 20.33 11.22 6.38
C CYS A 75 21.22 12.35 5.87
N GLY A 76 21.16 12.59 4.56
CA GLY A 76 21.93 13.65 3.95
C GLY A 76 21.28 14.99 4.23
N GLU A 77 22.07 16.05 4.16
CA GLU A 77 21.54 17.38 4.39
C GLU A 77 20.67 17.84 3.23
N ASN A 78 19.36 17.78 3.44
CA ASN A 78 18.40 18.46 2.58
C ASN A 78 17.73 19.53 3.43
N ASN A 79 16.67 20.15 2.94
CA ASN A 79 16.01 21.19 3.72
C ASN A 79 15.44 20.62 5.02
N SER A 80 14.97 21.51 5.89
CA SER A 80 14.52 21.13 7.23
C SER A 80 13.50 19.99 7.19
N CYS A 81 12.44 20.16 6.41
CA CYS A 81 11.38 19.16 6.35
C CYS A 81 11.87 17.80 5.83
N LEU A 82 12.66 17.82 4.77
CA LEU A 82 13.17 16.58 4.18
C LEU A 82 14.14 15.88 5.14
N LYS A 83 14.83 16.66 5.97
CA LYS A 83 15.71 16.09 6.98
C LYS A 83 14.89 15.38 8.05
N GLU A 84 13.83 16.04 8.52
CA GLU A 84 12.93 15.44 9.50
C GLU A 84 12.27 14.18 8.94
N LEU A 85 11.84 14.28 7.69
CA LEU A 85 11.22 13.16 6.98
C LEU A 85 12.14 11.96 6.91
N CYS A 86 13.39 12.21 6.54
CA CYS A 86 14.40 11.16 6.46
C CYS A 86 14.59 10.51 7.83
N GLU A 87 14.60 11.32 8.87
CA GLU A 87 14.82 10.81 10.22
C GLU A 87 13.61 10.03 10.73
N CYS A 88 12.43 10.41 10.29
CA CYS A 88 11.21 9.64 10.59
C CYS A 88 11.32 8.24 10.01
N ASP A 89 11.74 8.16 8.75
CA ASP A 89 11.87 6.90 8.05
C ASP A 89 12.99 6.04 8.62
N LYS A 90 14.10 6.68 8.97
CA LYS A 90 15.22 5.99 9.59
C LYS A 90 14.79 5.34 10.90
N ALA A 91 14.04 6.09 11.70
CA ALA A 91 13.57 5.62 13.00
C ALA A 91 12.69 4.38 12.90
N VAL A 92 11.75 4.38 11.95
CA VAL A 92 10.84 3.25 11.85
C VAL A 92 11.58 2.01 11.32
N ALA A 93 12.54 2.22 10.43
CA ALA A 93 13.32 1.10 9.90
C ALA A 93 14.10 0.43 11.03
N ILE A 94 14.73 1.26 11.85
CA ILE A 94 15.46 0.80 13.02
C ILE A 94 14.52 0.08 13.99
N CYS A 95 13.36 0.68 14.24
CA CYS A 95 12.39 0.11 15.18
C CYS A 95 11.87 -1.25 14.71
N LEU A 96 11.56 -1.36 13.43
CA LEU A 96 11.09 -2.63 12.87
C LEU A 96 12.17 -3.70 13.02
N ARG A 97 13.42 -3.32 12.77
CA ARG A 97 14.55 -4.23 12.93
C ARG A 97 14.67 -4.70 14.38
N GLU A 98 14.55 -3.76 15.31
CA GLU A 98 14.70 -4.04 16.74
C GLU A 98 13.63 -5.01 17.25
N ASN A 99 12.48 -5.03 16.58
CA ASN A 99 11.37 -5.84 17.06
C ASN A 99 11.04 -7.03 16.15
N LEU A 100 12.04 -7.46 15.39
CA LEU A 100 11.89 -8.64 14.55
C LEU A 100 11.63 -9.88 15.40
N ASP A 101 12.11 -9.86 16.64
CA ASP A 101 12.00 -11.01 17.54
C ASP A 101 10.56 -11.31 17.93
N THR A 102 9.67 -10.34 17.83
CA THR A 102 8.26 -10.57 18.13
C THR A 102 7.36 -10.36 16.92
N TYR A 103 7.95 -10.18 15.75
CA TYR A 103 7.19 -10.13 14.51
C TYR A 103 6.32 -11.37 14.39
N ASN A 104 5.03 -11.17 14.16
CA ASN A 104 4.08 -12.27 14.08
C ASN A 104 3.46 -12.35 12.69
N LYS A 105 3.67 -13.47 12.01
CA LYS A 105 3.18 -13.67 10.65
C LYS A 105 1.66 -13.63 10.54
N LYS A 106 0.97 -13.84 11.65
CA LYS A 106 -0.49 -13.84 11.64
C LYS A 106 -1.01 -12.43 11.36
N TYR A 107 -0.20 -11.43 11.68
CA TYR A 107 -0.57 -10.04 11.45
C TYR A 107 -0.17 -9.54 10.06
N ARG A 108 0.46 -10.41 9.26
CA ARG A 108 1.05 -9.99 7.99
C ARG A 108 -0.01 -9.66 6.95
N TYR A 109 -0.15 -10.48 5.90
CA TYR A 109 -1.22 -10.25 4.92
C TYR A 109 -2.55 -10.48 5.60
N ASN A 110 -2.96 -9.53 6.44
CA ASN A 110 -4.21 -9.64 7.15
C ASN A 110 -4.82 -8.25 7.30
N TYR A 111 -5.53 -7.82 6.27
CA TYR A 111 -6.12 -6.49 6.26
C TYR A 111 -7.24 -6.40 7.29
N LEU A 112 -6.86 -6.06 8.52
CA LEU A 112 -7.80 -5.99 9.63
C LEU A 112 -8.07 -4.54 10.04
N LYS A 113 -7.50 -3.61 9.29
CA LYS A 113 -7.52 -2.19 9.62
C LYS A 113 -8.91 -1.55 9.85
N PRO A 114 -9.95 -1.95 9.09
CA PRO A 114 -11.25 -1.35 9.42
C PRO A 114 -11.78 -1.76 10.79
N ALA A 115 -11.26 -2.85 11.35
CA ALA A 115 -11.74 -3.35 12.63
C ALA A 115 -10.89 -2.86 13.79
N CYS A 116 -9.83 -2.10 13.48
CA CYS A 116 -8.93 -1.60 14.51
C CYS A 116 -9.58 -0.56 15.40
N LYS A 117 -9.29 -0.62 16.70
CA LYS A 117 -9.77 0.38 17.63
C LYS A 117 -9.14 1.72 17.31
N LYS A 118 -9.91 2.79 17.50
CA LYS A 118 -9.45 4.15 17.21
C LYS A 118 -8.18 4.50 17.97
N ALA A 119 -7.19 5.04 17.25
CA ALA A 119 -5.93 5.43 17.85
C ALA A 119 -6.09 6.64 18.76
N ASP A 120 -5.28 6.70 19.81
CA ASP A 120 -5.21 7.88 20.65
C ASP A 120 -4.45 8.99 19.91
N PRO A 121 -4.59 10.25 20.36
CA PRO A 121 -3.85 11.32 19.70
C PRO A 121 -2.33 11.16 19.82
N CYS A 122 -1.59 11.69 18.85
CA CYS A 122 -0.14 11.60 18.86
C CYS A 122 0.47 12.42 19.99
N SER B 1 -13.74 1.49 -0.67
CA SER B 1 -12.43 1.65 -0.04
C SER B 1 -11.54 0.45 -0.35
N LEU B 2 -10.31 0.49 0.14
CA LEU B 2 -9.37 -0.62 -0.05
C LEU B 2 -9.94 -1.93 0.51
N PHE B 3 -10.76 -1.83 1.54
CA PHE B 3 -11.35 -3.01 2.16
C PHE B 3 -12.28 -3.75 1.19
N GLU B 4 -13.19 -3.02 0.56
CA GLU B 4 -14.11 -3.62 -0.41
C GLU B 4 -13.35 -4.17 -1.62
N LEU B 5 -12.39 -3.40 -2.09
CA LEU B 5 -11.58 -3.78 -3.25
C LEU B 5 -10.86 -5.10 -3.00
N GLY B 6 -10.19 -5.19 -1.87
CA GLY B 6 -9.48 -6.41 -1.50
C GLY B 6 -10.42 -7.59 -1.37
N LYS B 7 -11.58 -7.35 -0.78
CA LYS B 7 -12.57 -8.41 -0.58
C LYS B 7 -13.07 -8.93 -1.92
N MET B 8 -13.32 -8.03 -2.86
CA MET B 8 -13.74 -8.42 -4.21
C MET B 8 -12.68 -9.28 -4.89
N ILE B 9 -11.43 -8.85 -4.80
CA ILE B 9 -10.32 -9.57 -5.43
C ILE B 9 -10.22 -10.97 -4.87
N LEU B 10 -10.36 -11.10 -3.55
CA LEU B 10 -10.35 -12.40 -2.89
C LEU B 10 -11.51 -13.27 -3.37
N GLN B 11 -12.69 -12.67 -3.49
CA GLN B 11 -13.88 -13.40 -3.89
C GLN B 11 -13.79 -13.92 -5.32
N GLU B 12 -13.25 -13.09 -6.22
CA GLU B 12 -13.13 -13.47 -7.62
C GLU B 12 -11.97 -14.42 -7.88
N THR B 13 -10.78 -14.07 -7.37
CA THR B 13 -9.57 -14.83 -7.68
C THR B 13 -9.33 -15.99 -6.73
N GLY B 14 -9.81 -15.87 -5.50
CA GLY B 14 -9.54 -16.85 -4.48
C GLY B 14 -8.16 -16.68 -3.89
N LYS B 15 -7.49 -15.59 -4.28
CA LYS B 15 -6.14 -15.31 -3.82
C LYS B 15 -6.12 -14.17 -2.81
N ASN B 16 -5.16 -14.24 -1.87
CA ASN B 16 -4.94 -13.13 -0.96
C ASN B 16 -4.50 -11.91 -1.74
N PRO B 17 -5.30 -10.83 -1.69
CA PRO B 17 -5.08 -9.65 -2.54
C PRO B 17 -3.76 -8.93 -2.27
N ALA B 18 -3.40 -8.76 -1.00
CA ALA B 18 -2.16 -8.09 -0.65
C ALA B 18 -0.95 -8.86 -1.14
N LYS B 19 -0.99 -10.18 -0.97
CA LYS B 19 0.12 -11.05 -1.34
C LYS B 19 0.35 -11.11 -2.85
N SER B 20 -0.72 -11.13 -3.62
CA SER B 20 -0.61 -11.32 -5.07
C SER B 20 -0.58 -10.02 -5.88
N TYR B 21 -1.25 -8.99 -5.38
CA TYR B 21 -1.42 -7.79 -6.18
C TYR B 21 -1.01 -6.51 -5.45
N GLY B 22 -0.35 -6.67 -4.31
CA GLY B 22 0.07 -5.54 -3.51
C GLY B 22 1.07 -4.63 -4.22
N VAL B 23 1.98 -5.20 -5.00
CA VAL B 23 3.01 -4.43 -5.69
C VAL B 23 3.34 -5.02 -7.07
N TYR B 24 2.37 -5.76 -7.63
CA TYR B 24 2.58 -6.46 -8.90
C TYR B 24 2.82 -5.53 -10.09
N GLY B 25 3.87 -5.81 -10.85
CA GLY B 25 4.19 -5.09 -12.07
C GLY B 25 4.36 -3.60 -11.87
N CYS B 26 3.94 -2.83 -12.86
CA CYS B 26 4.10 -1.39 -12.82
C CYS B 26 2.82 -0.65 -12.43
N ASN B 27 1.73 -1.39 -12.23
CA ASN B 27 0.44 -0.75 -12.00
C ASN B 27 -0.36 -1.28 -10.80
N CYS B 28 -0.05 -2.49 -10.32
CA CYS B 28 -0.80 -3.05 -9.20
C CYS B 28 -0.21 -2.61 -7.86
N GLY B 29 -1.01 -1.93 -7.06
CA GLY B 29 -0.59 -1.51 -5.73
C GLY B 29 -0.39 -0.02 -5.58
N VAL B 30 0.28 0.36 -4.49
CA VAL B 30 0.54 1.77 -4.21
C VAL B 30 1.37 2.40 -5.31
N GLY B 31 1.24 3.72 -5.46
CA GLY B 31 1.91 4.43 -6.53
C GLY B 31 0.99 4.67 -7.70
N GLY B 32 1.53 5.17 -8.79
CA GLY B 32 0.74 5.48 -9.97
C GLY B 32 0.81 4.40 -11.04
N ARG B 33 0.71 4.82 -12.29
CA ARG B 33 0.74 3.89 -13.41
C ARG B 33 2.12 3.84 -14.08
N GLY B 34 2.26 2.90 -15.00
CA GLY B 34 3.48 2.74 -15.78
C GLY B 34 3.15 1.81 -16.92
N LYS B 35 4.10 1.56 -17.82
CA LYS B 35 3.85 0.62 -18.90
C LYS B 35 3.58 -0.76 -18.32
N PRO B 36 2.47 -1.40 -18.73
CA PRO B 36 2.08 -2.70 -18.19
C PRO B 36 3.09 -3.80 -18.52
N LYS B 37 3.40 -4.63 -17.55
CA LYS B 37 4.31 -5.75 -17.76
C LYS B 37 3.60 -6.92 -18.43
N ASP B 38 2.33 -7.11 -18.08
CA ASP B 38 1.52 -8.17 -18.68
C ASP B 38 0.03 -7.88 -18.56
N ALA B 39 -0.79 -8.89 -18.80
CA ALA B 39 -2.24 -8.74 -18.78
C ALA B 39 -2.77 -8.40 -17.39
N THR B 40 -2.24 -9.08 -16.37
CA THR B 40 -2.62 -8.79 -14.99
C THR B 40 -2.30 -7.35 -14.63
N ASP B 41 -1.10 -6.92 -14.98
CA ASP B 41 -0.67 -5.56 -14.73
C ASP B 41 -1.57 -4.55 -15.44
N ARG B 42 -2.02 -4.92 -16.63
CA ARG B 42 -2.88 -4.06 -17.43
C ARG B 42 -4.25 -3.89 -16.77
N CYS B 43 -4.70 -4.90 -16.03
CA CYS B 43 -5.94 -4.80 -15.27
C CYS B 43 -5.87 -3.64 -14.29
N CYS B 44 -4.74 -3.54 -13.60
CA CYS B 44 -4.54 -2.49 -12.60
C CYS B 44 -4.35 -1.13 -13.27
N TYR B 45 -3.75 -1.14 -14.45
CA TYR B 45 -3.62 0.06 -15.27
C TYR B 45 -5.00 0.66 -15.53
N VAL B 46 -5.89 -0.17 -16.06
CA VAL B 46 -7.26 0.23 -16.33
C VAL B 46 -7.95 0.70 -15.05
N HIS B 47 -7.70 -0.02 -13.97
CA HIS B 47 -8.30 0.28 -12.67
C HIS B 47 -7.92 1.67 -12.17
N LYS B 48 -6.65 2.02 -12.29
CA LYS B 48 -6.19 3.33 -11.83
C LYS B 48 -6.70 4.45 -12.73
N CYS B 49 -6.87 4.15 -14.01
CA CYS B 49 -7.49 5.11 -14.92
C CYS B 49 -8.98 5.27 -14.58
N CYS B 50 -9.60 4.17 -14.14
CA CYS B 50 -10.99 4.20 -13.72
C CYS B 50 -11.15 5.13 -12.52
N TYR B 51 -10.22 5.06 -11.59
CA TYR B 51 -10.22 5.91 -10.40
C TYR B 51 -10.09 7.39 -10.76
N LYS B 52 -9.34 7.69 -11.82
CA LYS B 52 -9.08 9.07 -12.21
C LYS B 52 -10.35 9.81 -12.63
N LYS B 53 -11.34 9.07 -13.10
CA LYS B 53 -12.57 9.68 -13.59
C LYS B 53 -13.54 10.03 -12.46
N LEU B 54 -13.29 9.48 -11.27
CA LEU B 54 -14.20 9.65 -10.14
C LEU B 54 -14.15 11.05 -9.52
N THR B 55 -15.31 11.56 -9.16
CA THR B 55 -15.43 12.81 -8.42
C THR B 55 -16.53 12.69 -7.36
N GLY B 56 -16.31 13.26 -6.19
CA GLY B 56 -17.33 13.30 -5.16
C GLY B 56 -17.08 12.35 -4.00
N CYS B 57 -16.13 11.43 -4.16
CA CYS B 57 -15.79 10.49 -3.10
C CYS B 57 -14.32 10.09 -3.21
N ASP B 58 -13.80 9.50 -2.13
CA ASP B 58 -12.40 9.08 -2.06
C ASP B 58 -12.30 7.59 -2.31
N PRO B 59 -11.66 7.19 -3.43
CA PRO B 59 -11.56 5.78 -3.85
C PRO B 59 -10.81 4.90 -2.84
N LYS B 60 -9.86 5.48 -2.11
CA LYS B 60 -9.06 4.70 -1.17
C LYS B 60 -9.76 4.54 0.18
N LYS B 61 -10.44 5.59 0.63
CA LYS B 61 -10.94 5.64 2.00
C LYS B 61 -12.43 5.32 2.15
N ASP B 62 -13.24 5.68 1.15
CA ASP B 62 -14.69 5.65 1.33
C ASP B 62 -15.31 4.28 1.13
N ARG B 63 -16.00 3.81 2.16
CA ARG B 63 -16.71 2.54 2.11
C ARG B 63 -17.93 2.62 1.21
N TYR B 64 -18.33 1.48 0.65
CA TYR B 64 -19.56 1.40 -0.12
C TYR B 64 -20.19 0.03 0.09
N SER B 65 -21.44 -0.11 -0.35
CA SER B 65 -22.16 -1.36 -0.19
C SER B 65 -22.18 -2.18 -1.47
N TYR B 66 -21.87 -3.46 -1.34
CA TYR B 66 -22.05 -4.40 -2.43
C TYR B 66 -22.39 -5.76 -1.87
N SER B 67 -22.95 -6.64 -2.70
CA SER B 67 -23.34 -7.96 -2.24
C SER B 67 -22.75 -9.05 -3.12
N TRP B 68 -22.67 -10.24 -2.55
CA TRP B 68 -22.17 -11.42 -3.25
C TRP B 68 -23.38 -12.31 -3.53
N LYS B 69 -23.92 -12.21 -4.74
CA LYS B 69 -25.16 -12.89 -5.10
C LYS B 69 -24.96 -13.86 -6.26
N ASP B 70 -25.22 -15.14 -6.00
CA ASP B 70 -24.94 -16.21 -6.97
C ASP B 70 -23.53 -16.06 -7.51
N LYS B 71 -22.60 -15.86 -6.59
CA LYS B 71 -21.18 -15.71 -6.87
C LYS B 71 -20.91 -14.59 -7.89
N THR B 72 -21.71 -13.55 -7.82
CA THR B 72 -21.53 -12.37 -8.64
C THR B 72 -21.44 -11.13 -7.74
N ILE B 73 -20.49 -10.26 -8.04
CA ILE B 73 -20.39 -8.99 -7.32
C ILE B 73 -21.51 -8.06 -7.82
N VAL B 74 -22.36 -7.61 -6.91
CA VAL B 74 -23.46 -6.72 -7.27
C VAL B 74 -23.34 -5.43 -6.49
N CYS B 75 -22.99 -4.35 -7.17
CA CYS B 75 -22.81 -3.06 -6.53
C CYS B 75 -24.15 -2.51 -6.07
N GLY B 76 -24.19 -2.01 -4.83
CA GLY B 76 -25.37 -1.37 -4.31
C GLY B 76 -25.56 -0.02 -4.99
N GLU B 77 -26.76 0.53 -4.90
CA GLU B 77 -27.05 1.82 -5.52
C GLU B 77 -26.13 2.92 -4.99
N ASN B 78 -25.89 2.90 -3.68
CA ASN B 78 -25.00 3.87 -3.03
C ASN B 78 -25.33 5.30 -3.45
N ASN B 79 -24.34 6.00 -3.99
CA ASN B 79 -24.58 7.25 -4.70
C ASN B 79 -23.74 7.24 -5.98
N SER B 80 -23.73 8.35 -6.71
CA SER B 80 -23.08 8.37 -8.02
C SER B 80 -21.61 7.94 -7.98
N CYS B 81 -20.82 8.61 -7.15
CA CYS B 81 -19.40 8.32 -7.07
C CYS B 81 -19.13 6.94 -6.48
N LEU B 82 -19.83 6.60 -5.39
CA LEU B 82 -19.60 5.33 -4.73
C LEU B 82 -19.99 4.13 -5.60
N LYS B 83 -21.04 4.28 -6.39
CA LYS B 83 -21.44 3.20 -7.29
C LYS B 83 -20.40 3.05 -8.42
N GLU B 84 -19.98 4.18 -8.98
CA GLU B 84 -18.94 4.15 -10.01
C GLU B 84 -17.65 3.56 -9.47
N LEU B 85 -17.34 3.92 -8.22
CA LEU B 85 -16.18 3.37 -7.53
C LEU B 85 -16.30 1.86 -7.38
N CYS B 86 -17.47 1.42 -6.93
CA CYS B 86 -17.75 -0.01 -6.78
C CYS B 86 -17.56 -0.74 -8.10
N GLU B 87 -18.01 -0.13 -9.18
CA GLU B 87 -17.90 -0.76 -10.49
C GLU B 87 -16.44 -0.80 -10.96
N CYS B 88 -15.66 0.21 -10.60
CA CYS B 88 -14.22 0.18 -10.87
C CYS B 88 -13.58 -1.03 -10.21
N ASP B 89 -13.90 -1.23 -8.93
CA ASP B 89 -13.31 -2.31 -8.15
C ASP B 89 -13.79 -3.67 -8.63
N LYS B 90 -15.08 -3.77 -8.96
CA LYS B 90 -15.62 -5.02 -9.50
C LYS B 90 -14.90 -5.40 -10.78
N ALA B 91 -14.67 -4.41 -11.64
CA ALA B 91 -14.04 -4.64 -12.94
C ALA B 91 -12.62 -5.20 -12.79
N VAL B 92 -11.84 -4.63 -11.88
CA VAL B 92 -10.46 -5.08 -11.73
C VAL B 92 -10.42 -6.47 -11.09
N ALA B 93 -11.36 -6.76 -10.20
CA ALA B 93 -11.41 -8.07 -9.55
C ALA B 93 -11.69 -9.14 -10.59
N ILE B 94 -12.65 -8.86 -11.47
CA ILE B 94 -12.99 -9.75 -12.56
C ILE B 94 -11.81 -9.90 -13.53
N CYS B 95 -11.18 -8.78 -13.86
CA CYS B 95 -10.06 -8.76 -14.78
C CYS B 95 -8.89 -9.59 -14.25
N LEU B 96 -8.61 -9.44 -12.96
CA LEU B 96 -7.51 -10.19 -12.34
C LEU B 96 -7.77 -11.69 -12.38
N ARG B 97 -9.02 -12.08 -12.11
CA ARG B 97 -9.40 -13.49 -12.17
C ARG B 97 -9.24 -14.04 -13.58
N GLU B 98 -9.64 -13.26 -14.57
CA GLU B 98 -9.61 -13.70 -15.97
C GLU B 98 -8.19 -13.82 -16.50
N ASN B 99 -7.22 -13.23 -15.82
CA ASN B 99 -5.84 -13.27 -16.27
C ASN B 99 -4.90 -14.01 -15.32
N LEU B 100 -5.49 -14.81 -14.43
CA LEU B 100 -4.72 -15.69 -13.57
C LEU B 100 -3.88 -16.68 -14.37
N ASP B 101 -4.33 -16.96 -15.59
CA ASP B 101 -3.68 -17.95 -16.44
C ASP B 101 -2.29 -17.49 -16.91
N THR B 102 -2.00 -16.20 -16.79
CA THR B 102 -0.69 -15.68 -17.18
C THR B 102 -0.02 -14.92 -16.04
N TYR B 103 -0.57 -15.03 -14.84
CA TYR B 103 0.03 -14.42 -13.65
C TYR B 103 1.46 -14.96 -13.47
N ASN B 104 2.41 -14.05 -13.28
CA ASN B 104 3.81 -14.44 -13.11
C ASN B 104 4.39 -13.86 -11.84
N LYS B 105 4.87 -14.73 -10.97
CA LYS B 105 5.38 -14.32 -9.66
C LYS B 105 6.62 -13.45 -9.73
N LYS B 106 7.28 -13.43 -10.89
CA LYS B 106 8.48 -12.62 -11.06
C LYS B 106 8.13 -11.13 -11.08
N TYR B 107 6.85 -10.82 -11.27
CA TYR B 107 6.38 -9.44 -11.24
C TYR B 107 5.81 -9.06 -9.89
N ARG B 108 5.69 -10.03 -8.99
CA ARG B 108 5.01 -9.83 -7.70
C ARG B 108 5.68 -8.77 -6.83
N TYR B 109 6.97 -8.95 -6.59
CA TYR B 109 7.72 -8.06 -5.69
C TYR B 109 8.90 -7.41 -6.45
N ASN B 110 9.24 -6.14 -6.28
CA ASN B 110 8.53 -5.02 -5.64
C ASN B 110 9.16 -3.77 -6.21
N TYR B 111 10.37 -3.57 -5.69
CA TYR B 111 11.33 -2.49 -5.93
C TYR B 111 11.24 -1.81 -7.30
N LEU B 112 10.72 -2.56 -8.27
CA LEU B 112 10.60 -2.16 -9.67
C LEU B 112 10.10 -0.73 -9.94
N LYS B 113 8.95 -0.40 -9.36
CA LYS B 113 8.04 0.64 -9.85
C LYS B 113 8.56 2.03 -10.24
N PRO B 114 9.49 2.61 -9.46
CA PRO B 114 9.90 3.95 -9.88
C PRO B 114 10.69 3.97 -11.19
N ALA B 115 11.25 2.82 -11.56
CA ALA B 115 12.05 2.71 -12.78
C ALA B 115 11.22 2.27 -13.98
N CYS B 116 9.92 2.09 -13.78
CA CYS B 116 9.02 1.70 -14.86
C CYS B 116 8.93 2.79 -15.93
N LYS B 117 8.64 2.39 -17.16
CA LYS B 117 8.43 3.35 -18.23
C LYS B 117 7.12 4.10 -17.98
N LYS B 118 7.14 5.40 -18.25
CA LYS B 118 5.99 6.25 -17.98
C LYS B 118 4.78 5.82 -18.80
N ALA B 119 3.62 5.77 -18.16
CA ALA B 119 2.40 5.28 -18.81
C ALA B 119 1.78 6.32 -19.71
N ASP B 120 1.14 5.87 -20.78
CA ASP B 120 0.34 6.74 -21.63
C ASP B 120 -0.75 7.40 -20.80
N PRO B 121 -1.23 8.57 -21.22
CA PRO B 121 -2.38 9.17 -20.51
C PRO B 121 -3.59 8.26 -20.62
N CYS B 122 -4.44 8.25 -19.60
CA CYS B 122 -5.62 7.40 -19.59
C CYS B 122 -6.56 7.73 -20.74
#